data_4ZZQ
#
_entry.id   4ZZQ
#
_cell.length_a   44.227
_cell.length_b   62.894
_cell.length_c   132.900
_cell.angle_alpha   90.00
_cell.angle_beta   90.00
_cell.angle_gamma   90.00
#
_symmetry.space_group_name_H-M   'P 21 21 21'
#
loop_
_entity.id
_entity.type
_entity.pdbx_description
1 polymer 'CELLULOSE 1,4-BETA-CELLOBIOSIDASE'
2 non-polymer 2-acetamido-2-deoxy-beta-D-glucopyranose
3 non-polymer DI(HYDROXYETHYL)ETHER
4 water water
#
_entity_poly.entity_id   1
_entity_poly.type   'polypeptide(L)'
_entity_poly.pdbx_seq_one_letter_code
;(PCA)KIGKLTPEVHPPMTFQKCSEGGSCETIQGEVVVDANWRWVHSAQGQNCYTGNTWNPTICPDDETCAENCYLDGAN
YESVYGVTTSEDSVRLNFVTQSQGKNIGSRLFLMSNESNYQLFHVLGQEFTFDVDVSNLDCGLNGALYLVSMDSDGGSAR
FPTNEAGAKYGTGYCDAQCPRDLKFISGSANVDGWIPSTNNPNTGYGNLGSCCAEMDLWEANNMATAVTPHPCDTSSQSV
CKSDSCGGAASSNRYGGICDPDGCDYNPYRMGNTSFFGPNKMIDTNSVITVVTQFITDDGSSDGKLTSIKRLYVQDGNVI
SQSVSTIDGVEGNEVNEEFCTNQKKVFGDEDSFTKHGGLAKMGEALKDGMVLVLSLWDDYQANMLWLDSSYPTTSSPTDP
GVARGSCPTTSGVPSKVEQNYPNAYVVYSNIKVGPIDSTYKK
;
_entity_poly.pdbx_strand_id   A
#
# COMPACT_ATOMS: atom_id res chain seq x y z
N LYS A 2 1.24 23.57 -7.27
CA LYS A 2 2.43 24.21 -7.85
C LYS A 2 3.69 23.78 -7.11
N ILE A 3 4.84 23.99 -7.74
CA ILE A 3 6.14 23.50 -7.22
C ILE A 3 6.94 24.63 -6.57
N GLY A 4 7.45 24.37 -5.38
CA GLY A 4 8.40 25.25 -4.69
C GLY A 4 9.74 24.55 -4.55
N LYS A 5 10.83 25.32 -4.55
CA LYS A 5 12.18 24.75 -4.51
C LYS A 5 13.05 25.29 -3.39
N LEU A 6 12.45 25.59 -2.24
CA LEU A 6 13.20 25.91 -1.02
C LEU A 6 14.21 24.80 -0.74
N THR A 7 13.80 23.55 -0.93
CA THR A 7 14.70 22.40 -0.87
C THR A 7 14.57 21.62 -2.18
N PRO A 8 15.69 21.25 -2.83
CA PRO A 8 15.60 20.53 -4.10
C PRO A 8 15.10 19.10 -3.91
N GLU A 9 14.40 18.58 -4.91
CA GLU A 9 13.73 17.28 -4.81
C GLU A 9 14.57 16.20 -5.47
N VAL A 10 15.37 15.50 -4.66
CA VAL A 10 16.31 14.52 -5.19
C VAL A 10 15.89 13.10 -4.80
N HIS A 11 15.46 12.32 -5.79
CA HIS A 11 15.00 10.95 -5.58
C HIS A 11 16.14 10.02 -5.18
N PRO A 12 15.96 9.21 -4.12
CA PRO A 12 16.91 8.14 -3.86
C PRO A 12 16.76 7.01 -4.91
N PRO A 13 17.89 6.50 -5.46
CA PRO A 13 17.82 5.53 -6.55
CA PRO A 13 17.82 5.53 -6.55
C PRO A 13 17.67 4.10 -6.04
N MET A 14 17.16 3.23 -6.90
CA MET A 14 16.95 1.85 -6.54
C MET A 14 16.79 1.05 -7.82
N THR A 15 17.62 0.03 -8.00
CA THR A 15 17.51 -0.81 -9.17
C THR A 15 16.50 -1.93 -8.94
N PHE A 16 15.91 -2.39 -10.04
CA PHE A 16 15.11 -3.61 -10.05
C PHE A 16 15.34 -4.33 -11.37
N GLN A 17 14.80 -5.54 -11.48
CA GLN A 17 15.01 -6.38 -12.63
C GLN A 17 13.76 -6.48 -13.53
N LYS A 18 14.00 -6.82 -14.80
CA LYS A 18 12.97 -7.39 -15.67
C LYS A 18 13.60 -8.63 -16.26
N CYS A 19 13.01 -9.78 -15.97
CA CYS A 19 13.51 -11.03 -16.50
C CYS A 19 12.79 -11.31 -17.83
N SER A 20 13.35 -10.79 -18.92
CA SER A 20 12.79 -11.00 -20.25
C SER A 20 13.06 -12.43 -20.73
N GLU A 21 14.19 -12.98 -20.30
CA GLU A 21 14.60 -14.34 -20.63
C GLU A 21 15.09 -15.02 -19.37
N GLY A 22 14.39 -16.06 -18.92
CA GLY A 22 14.76 -16.80 -17.72
C GLY A 22 14.93 -15.84 -16.55
N GLY A 23 16.13 -15.71 -15.97
CA GLY A 23 17.35 -16.36 -16.43
C GLY A 23 18.50 -15.37 -16.46
N SER A 24 19.11 -15.15 -15.30
CA SER A 24 20.15 -14.12 -15.12
C SER A 24 19.53 -12.74 -15.40
N CYS A 25 18.49 -12.43 -14.64
CA CYS A 25 17.68 -11.20 -14.81
C CYS A 25 18.55 -9.94 -14.97
N GLU A 26 18.16 -9.06 -15.90
CA GLU A 26 18.95 -7.85 -16.19
C GLU A 26 18.41 -6.58 -15.52
N THR A 27 19.32 -5.73 -15.07
CA THR A 27 19.01 -4.59 -14.20
C THR A 27 18.31 -3.42 -14.91
N ILE A 28 17.72 -2.55 -14.09
CA ILE A 28 17.14 -1.27 -14.54
C ILE A 28 17.33 -0.27 -13.40
N GLN A 29 17.57 1.00 -13.74
CA GLN A 29 17.94 2.05 -12.78
C GLN A 29 16.72 2.89 -12.41
N GLY A 30 16.02 2.48 -11.36
CA GLY A 30 14.85 3.20 -10.89
C GLY A 30 15.21 4.29 -9.90
N GLU A 31 14.20 5.01 -9.45
CA GLU A 31 14.36 6.00 -8.39
C GLU A 31 13.05 6.16 -7.62
N VAL A 32 13.14 6.35 -6.30
CA VAL A 32 11.92 6.40 -5.46
C VAL A 32 11.57 7.81 -5.03
N VAL A 33 10.27 8.09 -5.00
CA VAL A 33 9.77 9.40 -4.61
C VAL A 33 8.71 9.22 -3.54
N VAL A 34 8.58 10.22 -2.67
CA VAL A 34 7.59 10.15 -1.59
C VAL A 34 6.25 10.77 -1.99
N ASP A 35 5.18 10.10 -1.57
CA ASP A 35 3.81 10.63 -1.73
C ASP A 35 3.80 12.11 -1.32
N ALA A 36 3.13 12.93 -2.12
CA ALA A 36 3.03 14.37 -1.88
C ALA A 36 2.28 14.74 -0.60
N ASN A 37 1.47 13.82 -0.08
CA ASN A 37 0.67 14.09 1.11
CA ASN A 37 0.68 14.11 1.11
C ASN A 37 1.51 14.07 2.39
N TRP A 38 2.70 13.46 2.29
CA TRP A 38 3.71 13.55 3.36
C TRP A 38 4.56 14.83 3.28
N ARG A 39 4.41 15.61 2.21
CA ARG A 39 5.29 16.77 1.96
C ARG A 39 4.79 18.01 2.64
N TRP A 40 5.70 18.98 2.72
CA TRP A 40 5.41 20.29 3.26
C TRP A 40 4.80 21.15 2.19
N VAL A 41 3.63 21.70 2.49
CA VAL A 41 2.89 22.49 1.53
C VAL A 41 2.81 23.90 2.08
N HIS A 42 3.57 24.82 1.47
CA HIS A 42 3.73 26.17 2.01
C HIS A 42 3.38 27.28 1.02
N SER A 43 3.01 28.43 1.55
CA SER A 43 2.82 29.64 0.73
C SER A 43 4.12 30.10 0.08
N ALA A 44 3.99 31.08 -0.81
CA ALA A 44 5.13 31.67 -1.51
C ALA A 44 6.27 32.06 -0.57
N GLN A 45 5.91 32.77 0.50
CA GLN A 45 6.87 33.31 1.44
C GLN A 45 6.15 33.50 2.78
N GLY A 46 6.14 32.52 3.67
CA GLY A 46 6.58 31.15 3.42
C GLY A 46 5.96 30.18 4.43
N GLN A 47 4.70 30.39 4.77
CA GLN A 47 4.02 29.64 5.84
C GLN A 47 3.31 28.37 5.31
N ASN A 48 2.92 27.49 6.23
CA ASN A 48 2.16 26.28 5.89
C ASN A 48 0.71 26.52 5.46
N CYS A 49 0.33 25.90 4.34
CA CYS A 49 -1.05 25.86 3.89
C CYS A 49 -1.84 24.86 4.71
N TYR A 50 -1.18 23.74 5.04
CA TYR A 50 -1.77 22.63 5.78
C TYR A 50 -0.90 22.27 6.99
N THR A 51 -1.52 22.16 8.15
CA THR A 51 -0.84 21.79 9.40
C THR A 51 -1.61 20.69 10.12
N GLY A 52 -0.94 19.56 10.36
CA GLY A 52 -1.50 18.45 11.10
C GLY A 52 -2.71 17.82 10.41
N ASN A 53 -3.89 18.23 10.85
CA ASN A 53 -5.16 17.68 10.38
C ASN A 53 -6.07 18.75 9.75
N THR A 54 -5.49 19.86 9.28
CA THR A 54 -6.33 20.94 8.76
C THR A 54 -5.60 21.97 7.88
N TRP A 55 -6.40 22.74 7.15
CA TRP A 55 -5.85 23.75 6.22
C TRP A 55 -5.80 25.11 6.91
N ASN A 56 -4.91 25.98 6.45
CA ASN A 56 -4.89 27.35 6.94
C ASN A 56 -5.83 28.22 6.10
N PRO A 57 -6.91 28.73 6.71
CA PRO A 57 -7.99 29.44 6.02
C PRO A 57 -7.68 30.83 5.47
N THR A 58 -6.62 31.46 5.95
CA THR A 58 -6.17 32.73 5.39
C THR A 58 -5.40 32.45 4.08
N ILE A 59 -4.81 31.26 3.97
CA ILE A 59 -4.08 30.86 2.76
C ILE A 59 -4.97 30.02 1.83
N CYS A 60 -5.93 29.31 2.43
CA CYS A 60 -6.75 28.33 1.75
C CYS A 60 -8.18 28.39 2.25
N PRO A 61 -8.98 29.33 1.71
CA PRO A 61 -10.41 29.31 1.99
C PRO A 61 -11.22 28.53 0.95
N ASP A 62 -10.58 27.96 -0.08
CA ASP A 62 -11.24 27.03 -1.00
C ASP A 62 -10.22 26.32 -1.90
N ASP A 63 -10.70 25.41 -2.75
CA ASP A 63 -9.82 24.55 -3.57
C ASP A 63 -8.89 25.33 -4.48
N GLU A 64 -9.42 26.33 -5.17
CA GLU A 64 -8.64 27.06 -6.19
C GLU A 64 -7.88 28.23 -5.57
N THR A 65 -8.52 28.93 -4.65
CA THR A 65 -7.85 29.94 -3.85
C THR A 65 -6.65 29.29 -3.20
N CYS A 66 -6.88 28.15 -2.55
CA CYS A 66 -5.80 27.40 -1.95
C CYS A 66 -4.78 26.96 -2.99
N ALA A 67 -5.21 26.27 -4.03
CA ALA A 67 -4.29 25.75 -5.07
C ALA A 67 -3.49 26.86 -5.77
N GLU A 68 -4.11 28.01 -6.00
CA GLU A 68 -3.41 29.20 -6.54
C GLU A 68 -2.23 29.64 -5.67
N ASN A 69 -2.46 29.60 -4.35
CA ASN A 69 -1.50 30.07 -3.34
C ASN A 69 -0.46 29.08 -2.86
N CYS A 70 -0.72 27.79 -3.00
CA CYS A 70 0.10 26.78 -2.30
C CYS A 70 1.14 26.08 -3.17
N TYR A 71 2.28 25.78 -2.57
CA TYR A 71 3.42 25.17 -3.27
C TYR A 71 3.86 23.90 -2.55
N LEU A 72 4.34 22.93 -3.33
CA LEU A 72 4.84 21.64 -2.83
C LEU A 72 6.34 21.62 -2.97
N ASP A 73 7.06 21.21 -1.93
CA ASP A 73 8.51 21.33 -1.94
C ASP A 73 9.24 19.99 -1.90
N GLY A 74 10.57 20.08 -1.92
CA GLY A 74 11.42 18.91 -1.89
C GLY A 74 11.37 18.21 -0.55
N ALA A 75 11.75 16.94 -0.58
CA ALA A 75 11.75 16.11 0.61
C ALA A 75 13.19 15.73 0.96
N ASN A 76 13.58 16.01 2.20
CA ASN A 76 14.83 15.55 2.76
C ASN A 76 14.61 14.10 3.21
N TYR A 77 15.01 13.16 2.35
CA TYR A 77 14.66 11.74 2.50
C TYR A 77 15.26 11.04 3.73
N GLU A 78 16.56 11.19 3.95
CA GLU A 78 17.23 10.59 5.09
C GLU A 78 16.96 11.33 6.40
N SER A 79 16.94 12.66 6.35
CA SER A 79 16.83 13.48 7.56
C SER A 79 15.46 13.53 8.22
N VAL A 80 14.41 13.68 7.43
CA VAL A 80 13.06 13.83 7.99
C VAL A 80 12.20 12.56 7.89
N TYR A 81 12.37 11.78 6.82
CA TYR A 81 11.49 10.62 6.54
C TYR A 81 12.09 9.25 6.86
N GLY A 82 13.36 9.22 7.27
CA GLY A 82 14.02 7.95 7.58
C GLY A 82 14.00 7.01 6.39
N VAL A 83 14.15 7.57 5.21
CA VAL A 83 14.09 6.86 3.95
C VAL A 83 15.48 6.90 3.31
N THR A 84 16.02 5.71 3.04
CA THR A 84 17.32 5.58 2.41
C THR A 84 17.28 4.40 1.46
N THR A 85 18.15 4.43 0.45
CA THR A 85 18.22 3.39 -0.58
C THR A 85 19.68 3.10 -0.96
N SER A 86 19.95 1.84 -1.26
CA SER A 86 21.31 1.36 -1.55
C SER A 86 21.29 0.12 -2.45
N GLU A 87 21.85 0.23 -3.65
CA GLU A 87 21.80 -0.83 -4.65
C GLU A 87 20.36 -1.18 -4.98
N ASP A 88 19.94 -2.38 -4.57
CA ASP A 88 18.62 -2.89 -4.91
C ASP A 88 17.74 -2.98 -3.66
N SER A 89 17.94 -2.05 -2.72
CA SER A 89 17.23 -2.10 -1.44
C SER A 89 16.75 -0.73 -1.00
N VAL A 90 15.68 -0.69 -0.21
CA VAL A 90 15.08 0.56 0.26
C VAL A 90 14.64 0.37 1.71
N ARG A 91 14.99 1.35 2.55
CA ARG A 91 14.72 1.27 4.00
CA ARG A 91 14.75 1.27 3.99
C ARG A 91 13.74 2.34 4.41
N LEU A 92 12.68 1.91 5.12
CA LEU A 92 11.70 2.84 5.67
C LEU A 92 11.73 2.73 7.19
N ASN A 93 11.96 3.84 7.88
CA ASN A 93 11.95 3.83 9.33
C ASN A 93 10.61 4.32 9.80
N PHE A 94 10.22 3.89 10.99
CA PHE A 94 8.90 4.23 11.51
C PHE A 94 8.91 5.67 11.97
N VAL A 95 9.37 5.94 13.19
CA VAL A 95 9.40 7.31 13.72
C VAL A 95 10.75 7.97 13.47
N THR A 96 10.73 9.15 12.85
CA THR A 96 11.94 9.95 12.62
C THR A 96 11.81 11.28 13.36
N GLN A 97 12.76 11.55 14.26
CA GLN A 97 12.84 12.83 14.95
C GLN A 97 13.95 13.66 14.35
N SER A 98 13.57 14.71 13.64
CA SER A 98 14.47 15.76 13.22
C SER A 98 14.16 16.94 14.15
N GLN A 99 14.04 18.15 13.62
CA GLN A 99 13.48 19.24 14.43
C GLN A 99 11.97 19.10 14.56
N GLY A 100 11.37 18.26 13.71
CA GLY A 100 9.96 17.90 13.84
C GLY A 100 9.77 16.39 13.74
N LYS A 101 8.63 15.92 14.25
CA LYS A 101 8.30 14.50 14.27
C LYS A 101 7.62 14.03 12.98
N ASN A 102 8.22 13.04 12.29
CA ASN A 102 7.59 12.37 11.16
C ASN A 102 7.21 10.92 11.54
N ILE A 103 6.17 10.40 10.89
CA ILE A 103 5.78 9.00 11.05
C ILE A 103 5.64 8.32 9.69
N GLY A 104 6.36 7.22 9.51
CA GLY A 104 6.29 6.46 8.28
C GLY A 104 6.48 7.25 6.99
N SER A 105 6.13 6.59 5.91
CA SER A 105 6.22 7.16 4.59
C SER A 105 5.39 6.33 3.63
N ARG A 106 5.10 6.92 2.48
CA ARG A 106 4.58 6.20 1.34
C ARG A 106 5.42 6.63 0.15
N LEU A 107 6.04 5.66 -0.52
CA LEU A 107 6.94 5.91 -1.64
C LEU A 107 6.47 5.25 -2.94
N PHE A 108 6.83 5.85 -4.08
CA PHE A 108 6.50 5.31 -5.40
C PHE A 108 7.76 5.05 -6.23
N LEU A 109 7.77 3.97 -7.00
CA LEU A 109 8.97 3.57 -7.74
C LEU A 109 8.91 4.06 -9.18
N MET A 110 9.88 4.88 -9.54
CA MET A 110 9.94 5.48 -10.87
C MET A 110 10.93 4.79 -11.79
N SER A 111 10.70 4.97 -13.08
CA SER A 111 11.66 4.61 -14.12
C SER A 111 12.57 5.81 -14.36
N ASN A 112 11.94 6.95 -14.60
CA ASN A 112 12.63 8.19 -14.91
C ASN A 112 12.50 9.11 -13.72
N GLU A 113 12.87 10.38 -13.90
CA GLU A 113 12.65 11.39 -12.86
C GLU A 113 11.27 12.04 -13.00
N SER A 114 10.46 11.51 -13.91
CA SER A 114 9.15 12.09 -14.21
C SER A 114 8.00 11.09 -14.38
N ASN A 115 8.29 9.79 -14.21
CA ASN A 115 7.32 8.74 -14.48
C ASN A 115 7.45 7.56 -13.54
N TYR A 116 6.34 7.21 -12.91
CA TYR A 116 6.26 5.99 -12.13
C TYR A 116 6.39 4.78 -13.03
N GLN A 117 7.16 3.80 -12.60
CA GLN A 117 7.27 2.55 -13.32
C GLN A 117 5.91 1.84 -13.28
N LEU A 118 5.36 1.54 -14.45
CA LEU A 118 4.16 0.74 -14.53
C LEU A 118 4.59 -0.72 -14.60
N PHE A 119 3.95 -1.56 -13.78
CA PHE A 119 4.20 -2.98 -13.80
C PHE A 119 3.01 -3.70 -14.38
N HIS A 120 3.27 -4.46 -15.45
CA HIS A 120 2.29 -5.35 -16.05
C HIS A 120 2.63 -6.75 -15.57
N VAL A 121 1.94 -7.19 -14.54
CA VAL A 121 2.26 -8.43 -13.84
C VAL A 121 1.30 -9.57 -14.18
N LEU A 122 0.24 -9.25 -14.92
CA LEU A 122 -0.79 -10.23 -15.23
C LEU A 122 -0.20 -11.29 -16.13
N GLY A 123 -0.33 -12.56 -15.74
CA GLY A 123 0.31 -13.65 -16.45
C GLY A 123 1.81 -13.62 -16.27
N GLN A 124 2.24 -13.11 -15.11
CA GLN A 124 3.65 -12.92 -14.81
C GLN A 124 3.85 -13.20 -13.34
N GLU A 125 5.06 -12.97 -12.84
CA GLU A 125 5.28 -12.95 -11.40
C GLU A 125 6.08 -11.73 -10.96
N PHE A 126 5.68 -11.21 -9.81
CA PHE A 126 6.41 -10.15 -9.14
C PHE A 126 7.05 -10.76 -7.91
N THR A 127 8.35 -10.57 -7.77
CA THR A 127 9.09 -11.18 -6.68
C THR A 127 9.95 -10.11 -5.98
N PHE A 128 10.07 -10.24 -4.67
CA PHE A 128 10.88 -9.33 -3.86
C PHE A 128 11.39 -10.03 -2.63
N ASP A 129 12.46 -9.47 -2.07
CA ASP A 129 12.94 -9.82 -0.75
C ASP A 129 12.45 -8.75 0.20
N VAL A 130 12.39 -9.06 1.48
CA VAL A 130 12.03 -8.06 2.46
C VAL A 130 12.59 -8.46 3.82
N ASP A 131 12.91 -7.47 4.65
CA ASP A 131 13.27 -7.72 6.03
C ASP A 131 12.22 -7.09 6.93
N VAL A 132 11.45 -7.94 7.62
CA VAL A 132 10.42 -7.48 8.54
C VAL A 132 10.76 -7.80 10.00
N SER A 133 12.00 -8.26 10.21
CA SER A 133 12.48 -8.66 11.53
C SER A 133 12.50 -7.52 12.54
N ASN A 134 12.55 -6.29 12.05
CA ASN A 134 12.58 -5.12 12.90
C ASN A 134 11.22 -4.48 13.09
N LEU A 135 10.22 -4.96 12.35
CA LEU A 135 8.85 -4.51 12.58
C LEU A 135 8.30 -5.25 13.78
N ASP A 136 7.13 -4.82 14.23
CA ASP A 136 6.46 -5.46 15.37
C ASP A 136 4.96 -5.32 15.21
N CYS A 137 4.19 -5.72 16.22
CA CYS A 137 2.74 -5.61 16.14
C CYS A 137 2.24 -4.19 16.29
N GLY A 138 1.17 -3.88 15.55
CA GLY A 138 0.68 -2.52 15.41
C GLY A 138 1.33 -1.77 14.25
N LEU A 139 2.16 -2.48 13.47
CA LEU A 139 2.87 -1.87 12.34
C LEU A 139 2.59 -2.64 11.06
N ASN A 140 2.63 -1.90 9.96
CA ASN A 140 2.39 -2.49 8.66
C ASN A 140 3.42 -2.01 7.66
N GLY A 141 4.28 -2.91 7.20
CA GLY A 141 5.13 -2.66 6.04
C GLY A 141 4.38 -3.17 4.81
N ALA A 142 3.82 -2.24 4.04
CA ALA A 142 3.07 -2.58 2.82
C ALA A 142 3.90 -2.36 1.57
N LEU A 143 3.94 -3.36 0.70
CA LEU A 143 4.40 -3.23 -0.68
C LEU A 143 3.20 -3.63 -1.53
N TYR A 144 2.69 -2.71 -2.34
CA TYR A 144 1.47 -2.97 -3.14
C TYR A 144 1.43 -2.21 -4.47
N LEU A 145 0.39 -2.49 -5.27
CA LEU A 145 0.22 -1.91 -6.59
C LEU A 145 -1.12 -1.19 -6.71
N VAL A 146 -1.11 -0.02 -7.35
CA VAL A 146 -2.31 0.78 -7.55
C VAL A 146 -2.34 1.29 -8.98
N SER A 147 -3.52 1.38 -9.58
CA SER A 147 -3.68 1.93 -10.92
C SER A 147 -3.62 3.46 -10.89
N MET A 148 -2.45 3.99 -10.55
CA MET A 148 -2.18 5.42 -10.61
C MET A 148 -1.76 5.78 -12.03
N ASP A 149 -1.95 7.04 -12.39
CA ASP A 149 -1.45 7.54 -13.67
C ASP A 149 0.07 7.56 -13.66
N SER A 150 0.69 7.08 -14.74
CA SER A 150 2.15 7.04 -14.85
C SER A 150 2.79 8.42 -14.70
N ASP A 151 2.09 9.46 -15.13
CA ASP A 151 2.58 10.83 -15.02
C ASP A 151 2.05 11.58 -13.79
N GLY A 152 1.55 10.83 -12.81
CA GLY A 152 0.97 11.41 -11.58
C GLY A 152 -0.33 12.16 -11.77
N GLY A 153 -0.96 11.98 -12.94
CA GLY A 153 -2.19 12.70 -13.28
C GLY A 153 -1.95 14.18 -13.58
N SER A 154 -0.87 14.47 -14.29
CA SER A 154 -0.50 15.84 -14.64
C SER A 154 -1.08 16.23 -15.99
N ALA A 155 -1.06 15.29 -16.94
CA ALA A 155 -1.65 15.48 -18.25
C ALA A 155 -3.16 15.70 -18.14
N ARG A 156 -3.82 14.73 -17.53
CA ARG A 156 -5.28 14.73 -17.40
C ARG A 156 -5.87 15.89 -16.59
N PHE A 157 -5.08 16.55 -15.76
CA PHE A 157 -5.53 17.77 -15.06
C PHE A 157 -4.44 18.85 -15.15
N PRO A 158 -4.75 19.98 -15.82
CA PRO A 158 -3.73 20.99 -16.15
C PRO A 158 -3.17 21.72 -14.92
N THR A 159 -3.99 21.81 -13.87
CA THR A 159 -3.63 22.50 -12.64
C THR A 159 -2.55 21.77 -11.83
N ASN A 160 -2.26 20.50 -12.17
CA ASN A 160 -1.19 19.75 -11.50
C ASN A 160 0.17 19.90 -12.19
N GLU A 161 0.90 20.94 -11.77
CA GLU A 161 2.19 21.27 -12.36
C GLU A 161 3.30 20.33 -11.87
N ALA A 162 3.07 19.71 -10.70
CA ALA A 162 4.08 18.94 -9.99
C ALA A 162 4.34 17.55 -10.57
N GLY A 163 3.27 16.84 -10.90
CA GLY A 163 3.38 15.55 -11.58
C GLY A 163 4.03 14.47 -10.74
N ALA A 164 4.47 13.41 -11.40
CA ALA A 164 5.02 12.26 -10.69
C ALA A 164 6.31 12.61 -9.95
N LYS A 165 7.09 13.53 -10.50
CA LYS A 165 8.39 13.93 -9.91
C LYS A 165 8.25 14.29 -8.43
N TYR A 166 7.12 14.89 -8.06
CA TYR A 166 6.85 15.25 -6.67
C TYR A 166 5.83 14.32 -5.96
N GLY A 167 5.69 13.10 -6.47
CA GLY A 167 4.85 12.08 -5.84
C GLY A 167 3.35 12.28 -5.89
N THR A 168 2.85 12.97 -6.92
CA THR A 168 1.43 13.32 -6.96
C THR A 168 0.59 12.17 -7.51
N GLY A 169 -0.71 12.27 -7.28
CA GLY A 169 -1.69 11.44 -7.97
C GLY A 169 -2.08 10.14 -7.31
N TYR A 170 -1.71 9.97 -6.05
CA TYR A 170 -2.01 8.73 -5.34
C TYR A 170 -3.51 8.39 -5.37
N CYS A 171 -3.80 7.10 -5.47
CA CYS A 171 -5.14 6.56 -5.22
C CYS A 171 -5.01 5.12 -4.76
N ASP A 172 -6.03 4.63 -4.06
CA ASP A 172 -6.14 3.21 -3.77
C ASP A 172 -7.61 2.81 -3.60
N ALA A 173 -7.87 1.56 -3.19
CA ALA A 173 -9.24 1.03 -3.13
C ALA A 173 -10.08 1.54 -1.96
N GLN A 174 -9.54 2.45 -1.15
CA GLN A 174 -10.28 3.06 -0.05
C GLN A 174 -10.87 4.40 -0.48
N CYS A 175 -10.54 4.85 -1.69
CA CYS A 175 -10.95 6.15 -2.18
C CYS A 175 -10.65 7.19 -1.12
N PRO A 176 -9.38 7.26 -0.66
CA PRO A 176 -9.04 8.12 0.46
C PRO A 176 -9.31 9.58 0.16
N ARG A 177 -9.93 10.25 1.12
CA ARG A 177 -10.27 11.65 1.03
C ARG A 177 -9.39 12.52 1.94
N ASP A 178 -8.38 11.92 2.54
CA ASP A 178 -7.37 12.68 3.29
C ASP A 178 -6.20 13.18 2.44
N LEU A 179 -6.17 12.85 1.15
CA LEU A 179 -5.15 13.37 0.25
C LEU A 179 -5.33 14.89 0.12
N LYS A 180 -4.22 15.63 0.08
CA LYS A 180 -4.28 17.08 0.03
C LYS A 180 -4.64 17.55 -1.35
N PHE A 181 -4.01 16.95 -2.36
CA PHE A 181 -4.31 17.25 -3.75
C PHE A 181 -4.87 16.02 -4.46
N ILE A 182 -6.00 16.21 -5.15
CA ILE A 182 -6.64 15.14 -5.92
C ILE A 182 -7.06 15.70 -7.26
N SER A 183 -6.69 15.01 -8.33
CA SER A 183 -7.03 15.41 -9.69
C SER A 183 -6.73 16.89 -9.92
N GLY A 184 -5.53 17.30 -9.52
CA GLY A 184 -5.08 18.68 -9.75
C GLY A 184 -5.53 19.62 -8.67
N SER A 185 -6.81 19.52 -8.32
CA SER A 185 -7.41 20.36 -7.31
C SER A 185 -6.78 20.17 -5.92
N ALA A 186 -6.88 21.21 -5.09
CA ALA A 186 -6.60 21.09 -3.67
C ALA A 186 -7.89 20.61 -3.02
N ASN A 187 -7.76 19.71 -2.05
CA ASN A 187 -8.89 19.01 -1.48
C ASN A 187 -9.37 19.70 -0.22
N VAL A 188 -9.76 20.97 -0.37
CA VAL A 188 -10.02 21.85 0.78
C VAL A 188 -11.48 21.84 1.22
N ASP A 189 -12.41 21.88 0.28
CA ASP A 189 -13.82 22.10 0.62
C ASP A 189 -14.39 21.00 1.54
N GLY A 190 -15.28 21.39 2.44
CA GLY A 190 -15.88 20.48 3.40
C GLY A 190 -14.91 19.71 4.28
N TRP A 191 -13.71 20.24 4.47
CA TRP A 191 -12.69 19.58 5.29
C TRP A 191 -13.20 19.36 6.71
N ILE A 192 -13.03 18.15 7.20
CA ILE A 192 -13.29 17.84 8.60
C ILE A 192 -12.03 17.13 9.06
N PRO A 193 -11.58 17.40 10.29
CA PRO A 193 -10.44 16.65 10.82
C PRO A 193 -10.87 15.27 11.29
N SER A 194 -9.97 14.31 11.26
CA SER A 194 -10.27 12.97 11.76
C SER A 194 -10.44 13.02 13.28
N THR A 195 -11.19 12.10 13.84
CA THR A 195 -11.49 12.16 15.28
C THR A 195 -10.29 11.82 16.15
N ASN A 196 -9.43 10.92 15.71
CA ASN A 196 -8.27 10.54 16.54
C ASN A 196 -6.87 10.59 15.88
N ASN A 197 -6.77 10.81 14.57
CA ASN A 197 -5.44 10.94 13.96
C ASN A 197 -5.08 12.43 13.78
N PRO A 198 -3.99 12.90 14.43
CA PRO A 198 -3.59 14.29 14.35
C PRO A 198 -2.98 14.68 13.01
N ASN A 199 -2.50 13.70 12.24
CA ASN A 199 -1.92 14.01 10.93
C ASN A 199 -2.93 13.99 9.78
N THR A 200 -4.21 13.74 10.08
CA THR A 200 -5.19 13.59 9.01
C THR A 200 -6.52 14.28 9.22
N GLY A 201 -7.08 14.73 8.10
CA GLY A 201 -8.49 15.12 7.99
C GLY A 201 -9.10 14.54 6.71
N TYR A 202 -10.36 14.90 6.46
CA TYR A 202 -11.11 14.35 5.34
C TYR A 202 -11.80 15.46 4.58
N GLY A 203 -11.57 15.52 3.27
CA GLY A 203 -12.20 16.51 2.41
C GLY A 203 -13.34 15.91 1.59
N ASN A 204 -13.99 16.76 0.81
CA ASN A 204 -15.05 16.33 -0.09
C ASN A 204 -14.58 15.42 -1.24
N LEU A 205 -13.32 15.52 -1.68
CA LEU A 205 -12.80 14.70 -2.78
C LEU A 205 -12.02 13.46 -2.28
N GLY A 206 -12.36 12.29 -2.85
CA GLY A 206 -11.58 11.07 -2.64
C GLY A 206 -11.01 10.57 -3.96
N SER A 207 -9.96 9.75 -3.87
CA SER A 207 -9.19 9.32 -5.05
C SER A 207 -9.21 7.79 -5.20
N CYS A 208 -10.01 7.31 -6.16
CA CYS A 208 -10.34 5.90 -6.27
C CYS A 208 -9.53 5.25 -7.37
N CYS A 209 -8.98 4.06 -7.09
CA CYS A 209 -8.49 3.15 -8.13
C CYS A 209 -8.30 1.73 -7.62
N ALA A 210 -8.22 0.77 -8.54
CA ALA A 210 -7.92 -0.63 -8.20
C ALA A 210 -6.60 -0.70 -7.42
N GLU A 211 -6.50 -1.67 -6.51
CA GLU A 211 -5.31 -1.82 -5.68
C GLU A 211 -5.07 -3.30 -5.39
N MET A 212 -3.87 -3.80 -5.72
CA MET A 212 -3.45 -5.16 -5.39
C MET A 212 -2.40 -5.19 -4.26
N ASP A 213 -2.82 -5.55 -3.05
CA ASP A 213 -1.92 -5.62 -1.88
C ASP A 213 -1.12 -6.91 -1.87
N LEU A 214 0.01 -6.89 -2.58
CA LEU A 214 0.94 -8.01 -2.61
C LEU A 214 1.41 -8.39 -1.20
N TRP A 215 1.64 -7.37 -0.38
CA TRP A 215 2.29 -7.56 0.90
C TRP A 215 1.86 -6.49 1.89
N GLU A 216 1.21 -6.92 2.96
CA GLU A 216 0.94 -6.07 4.11
C GLU A 216 1.33 -6.92 5.31
N ALA A 217 2.36 -6.50 6.03
CA ALA A 217 3.00 -7.39 6.99
C ALA A 217 3.75 -6.72 8.14
N ASN A 218 3.86 -7.47 9.23
CA ASN A 218 4.85 -7.20 10.28
C ASN A 218 5.48 -8.54 10.63
N ASN A 219 6.33 -8.60 11.66
CA ASN A 219 6.97 -9.88 12.00
C ASN A 219 5.99 -10.92 12.55
N MET A 220 4.78 -10.51 12.93
CA MET A 220 3.77 -11.43 13.46
C MET A 220 2.74 -11.93 12.44
N ALA A 221 2.69 -11.33 11.25
CA ALA A 221 1.66 -11.71 10.28
C ALA A 221 1.85 -11.07 8.92
N THR A 222 1.12 -11.60 7.94
CA THR A 222 1.17 -11.06 6.58
C THR A 222 -0.12 -11.43 5.86
N ALA A 223 -0.38 -10.74 4.76
CA ALA A 223 -1.61 -10.95 4.02
C ALA A 223 -1.41 -10.42 2.64
N VAL A 224 -1.94 -11.17 1.67
CA VAL A 224 -1.97 -10.73 0.29
C VAL A 224 -3.43 -10.61 -0.15
N THR A 225 -3.78 -9.45 -0.72
CA THR A 225 -5.19 -9.04 -0.80
C THR A 225 -5.52 -8.09 -1.97
N PRO A 226 -6.12 -8.62 -3.07
CA PRO A 226 -6.54 -7.82 -4.21
C PRO A 226 -7.81 -7.02 -3.92
N HIS A 227 -7.85 -5.75 -4.32
CA HIS A 227 -9.03 -4.90 -4.11
C HIS A 227 -9.47 -4.34 -5.47
N PRO A 228 -10.50 -4.94 -6.10
CA PRO A 228 -10.98 -4.40 -7.37
C PRO A 228 -11.92 -3.21 -7.15
N CYS A 229 -12.02 -2.35 -8.18
CA CYS A 229 -13.03 -1.27 -8.25
C CYS A 229 -13.85 -1.33 -9.54
N ASP A 230 -14.98 -0.63 -9.54
CA ASP A 230 -15.86 -0.58 -10.71
C ASP A 230 -15.15 0.14 -11.89
N THR A 231 -14.58 1.30 -11.61
CA THR A 231 -13.73 2.03 -12.54
C THR A 231 -12.30 1.83 -12.07
N SER A 232 -11.51 1.08 -12.84
CA SER A 232 -10.19 0.64 -12.38
C SER A 232 -9.19 1.77 -12.24
N SER A 233 -9.10 2.61 -13.27
CA SER A 233 -8.15 3.73 -13.31
C SER A 233 -8.62 4.87 -12.39
N GLN A 234 -7.78 5.90 -12.28
CA GLN A 234 -7.99 6.97 -11.30
C GLN A 234 -9.36 7.60 -11.49
N SER A 235 -10.09 7.74 -10.38
CA SER A 235 -11.40 8.36 -10.41
C SER A 235 -11.59 9.19 -9.18
N VAL A 236 -12.29 10.31 -9.35
CA VAL A 236 -12.64 11.13 -8.21
C VAL A 236 -14.01 10.73 -7.74
N CYS A 237 -14.15 10.60 -6.44
CA CYS A 237 -15.42 10.37 -5.80
C CYS A 237 -15.66 11.55 -4.89
N LYS A 238 -16.90 11.74 -4.46
CA LYS A 238 -17.24 12.87 -3.62
C LYS A 238 -17.92 12.45 -2.33
N SER A 239 -17.51 13.09 -1.23
CA SER A 239 -18.04 12.82 0.09
C SER A 239 -18.14 11.31 0.35
N ASP A 240 -19.11 10.93 1.16
CA ASP A 240 -19.22 9.57 1.67
C ASP A 240 -19.59 8.53 0.63
N SER A 241 -20.05 8.96 -0.55
CA SER A 241 -20.18 8.03 -1.68
C SER A 241 -18.80 7.47 -2.13
N CYS A 242 -17.71 7.99 -1.56
CA CYS A 242 -16.35 7.41 -1.74
C CYS A 242 -16.15 6.04 -1.07
N GLY A 243 -16.91 5.77 -0.03
CA GLY A 243 -16.72 4.57 0.74
C GLY A 243 -15.36 4.63 1.39
N GLY A 244 -14.72 3.48 1.53
CA GLY A 244 -13.42 3.40 2.18
C GLY A 244 -13.56 3.00 3.63
N ALA A 245 -12.54 2.29 4.11
CA ALA A 245 -12.42 1.88 5.52
C ALA A 245 -12.50 3.07 6.47
N ALA A 246 -12.03 4.22 6.01
CA ALA A 246 -11.98 5.43 6.82
C ALA A 246 -13.34 6.09 7.15
N SER A 247 -14.45 5.63 6.57
CA SER A 247 -15.79 6.13 6.92
C SER A 247 -16.60 5.02 7.58
N SER A 248 -17.84 5.35 7.98
CA SER A 248 -18.74 4.36 8.57
C SER A 248 -19.35 3.47 7.48
N ASN A 249 -19.59 4.11 6.35
CA ASN A 249 -20.26 3.54 5.18
C ASN A 249 -19.22 2.98 4.20
N ARG A 250 -18.37 2.06 4.67
CA ARG A 250 -17.22 1.58 3.86
C ARG A 250 -17.61 0.83 2.58
N TYR A 251 -18.77 0.17 2.60
CA TYR A 251 -19.29 -0.56 1.43
C TYR A 251 -20.16 0.28 0.48
N GLY A 252 -20.16 1.60 0.66
CA GLY A 252 -21.02 2.49 -0.12
C GLY A 252 -20.40 3.15 -1.32
N GLY A 253 -19.33 2.58 -1.87
CA GLY A 253 -18.65 3.20 -2.99
C GLY A 253 -18.38 2.20 -4.11
N ILE A 254 -17.51 2.60 -5.05
CA ILE A 254 -17.19 1.79 -6.23
C ILE A 254 -16.04 0.80 -6.04
N CYS A 255 -15.34 0.90 -4.91
CA CYS A 255 -14.18 0.07 -4.67
C CYS A 255 -14.42 -0.91 -3.57
N ASP A 256 -13.69 -2.01 -3.60
CA ASP A 256 -13.75 -3.00 -2.55
C ASP A 256 -12.79 -2.63 -1.41
N PRO A 257 -13.34 -2.14 -0.27
CA PRO A 257 -12.50 -1.73 0.86
C PRO A 257 -11.88 -2.89 1.66
N ASP A 258 -12.46 -4.09 1.55
CA ASP A 258 -12.04 -5.24 2.34
C ASP A 258 -11.07 -6.17 1.65
N GLY A 259 -11.38 -6.53 0.41
CA GLY A 259 -10.51 -7.37 -0.43
C GLY A 259 -10.79 -8.85 -0.27
N CYS A 260 -10.24 -9.67 -1.18
CA CYS A 260 -10.16 -11.11 -0.92
C CYS A 260 -8.78 -11.39 -0.32
N ASP A 261 -8.72 -11.42 1.00
CA ASP A 261 -7.44 -11.46 1.70
C ASP A 261 -7.00 -12.89 1.97
N TYR A 262 -5.69 -13.16 1.86
CA TYR A 262 -5.14 -14.42 2.34
C TYR A 262 -4.09 -14.16 3.43
N ASN A 263 -4.48 -14.46 4.67
CA ASN A 263 -3.59 -14.37 5.83
C ASN A 263 -3.31 -15.80 6.31
N PRO A 264 -2.03 -16.26 6.23
CA PRO A 264 -1.69 -17.65 6.61
C PRO A 264 -2.27 -18.06 7.96
N TYR A 265 -2.19 -17.15 8.93
CA TYR A 265 -2.71 -17.38 10.28
C TYR A 265 -4.22 -17.47 10.26
N ARG A 266 -4.86 -16.52 9.58
CA ARG A 266 -6.32 -16.47 9.50
C ARG A 266 -6.91 -17.68 8.79
N MET A 267 -6.18 -18.27 7.84
CA MET A 267 -6.68 -19.48 7.20
C MET A 267 -6.34 -20.74 8.01
N GLY A 268 -5.87 -20.56 9.26
CA GLY A 268 -5.81 -21.66 10.23
C GLY A 268 -4.43 -22.25 10.54
N ASN A 269 -3.42 -21.92 9.75
CA ASN A 269 -2.07 -22.43 10.00
C ASN A 269 -1.22 -21.40 10.76
N THR A 270 -1.20 -21.53 12.09
CA THR A 270 -0.54 -20.58 12.97
C THR A 270 0.95 -20.83 13.21
N SER A 271 1.51 -21.85 12.57
CA SER A 271 2.93 -22.19 12.71
C SER A 271 3.67 -21.74 11.47
N PHE A 272 2.94 -21.31 10.45
CA PHE A 272 3.55 -20.99 9.18
C PHE A 272 4.39 -19.72 9.17
N PHE A 273 3.89 -18.66 9.81
CA PHE A 273 4.50 -17.33 9.63
C PHE A 273 4.67 -16.49 10.89
N GLY A 274 5.92 -16.24 11.26
CA GLY A 274 6.23 -15.54 12.49
C GLY A 274 7.69 -15.69 12.82
N PRO A 275 8.11 -15.18 13.99
CA PRO A 275 9.50 -15.37 14.40
C PRO A 275 9.75 -16.83 14.76
N ASN A 276 10.79 -17.42 14.16
CA ASN A 276 11.13 -18.82 14.37
C ASN A 276 10.02 -19.78 13.95
N LYS A 277 9.30 -19.41 12.88
CA LYS A 277 8.24 -20.22 12.29
C LYS A 277 8.76 -20.80 10.98
N MET A 278 7.93 -21.56 10.26
CA MET A 278 8.33 -22.11 8.94
C MET A 278 8.95 -21.01 8.09
N ILE A 279 8.27 -19.87 8.04
CA ILE A 279 8.76 -18.66 7.40
C ILE A 279 9.21 -17.74 8.53
N ASP A 280 10.52 -17.55 8.61
CA ASP A 280 11.16 -16.91 9.76
CA ASP A 280 11.13 -16.90 9.76
C ASP A 280 11.27 -15.40 9.56
N THR A 281 10.48 -14.65 10.30
CA THR A 281 10.44 -13.20 10.18
C THR A 281 11.70 -12.53 10.75
N ASN A 282 12.48 -13.28 11.54
CA ASN A 282 13.85 -12.85 11.93
C ASN A 282 14.86 -12.89 10.80
N SER A 283 14.54 -13.61 9.72
CA SER A 283 15.43 -13.67 8.55
C SER A 283 14.78 -13.06 7.30
N VAL A 284 15.61 -12.61 6.35
CA VAL A 284 15.11 -12.07 5.09
C VAL A 284 14.27 -13.14 4.36
N ILE A 285 13.26 -12.68 3.62
CA ILE A 285 12.34 -13.59 2.95
C ILE A 285 12.23 -13.19 1.48
N THR A 286 12.22 -14.17 0.58
CA THR A 286 11.86 -13.89 -0.80
C THR A 286 10.40 -14.23 -0.89
N VAL A 287 9.63 -13.32 -1.48
CA VAL A 287 8.20 -13.50 -1.61
C VAL A 287 7.82 -13.45 -3.07
N VAL A 288 7.14 -14.49 -3.54
CA VAL A 288 6.84 -14.64 -4.95
C VAL A 288 5.34 -14.62 -5.15
N THR A 289 4.91 -13.83 -6.11
CA THR A 289 3.49 -13.67 -6.36
C THR A 289 3.21 -13.80 -7.85
N GLN A 290 2.57 -14.91 -8.22
CA GLN A 290 2.28 -15.24 -9.61
C GLN A 290 0.80 -15.05 -9.89
N PHE A 291 0.51 -14.43 -11.04
CA PHE A 291 -0.85 -14.11 -11.45
C PHE A 291 -1.24 -14.96 -12.63
N ILE A 292 -1.94 -16.07 -12.39
CA ILE A 292 -2.32 -16.99 -13.47
C ILE A 292 -3.51 -16.46 -14.26
N THR A 293 -3.34 -16.28 -15.57
CA THR A 293 -4.44 -15.88 -16.44
C THR A 293 -5.16 -17.07 -17.07
N ASP A 294 -6.26 -16.74 -17.74
CA ASP A 294 -7.21 -17.70 -18.30
C ASP A 294 -6.53 -18.69 -19.24
N ASP A 295 -5.72 -18.17 -20.15
CA ASP A 295 -5.02 -18.99 -21.14
C ASP A 295 -3.51 -18.68 -21.09
N GLY A 296 -2.97 -18.69 -19.87
CA GLY A 296 -1.53 -18.52 -19.64
C GLY A 296 -0.89 -17.39 -20.40
N SER A 297 -1.62 -16.28 -20.55
CA SER A 297 -1.17 -15.14 -21.35
C SER A 297 -1.30 -13.82 -20.58
N SER A 298 -0.39 -12.89 -20.86
CA SER A 298 -0.40 -11.59 -20.18
C SER A 298 -1.63 -10.74 -20.50
N ASP A 299 -2.48 -11.20 -21.45
CA ASP A 299 -3.73 -10.52 -21.76
C ASP A 299 -4.99 -11.34 -21.42
N GLY A 300 -4.81 -12.56 -20.88
CA GLY A 300 -5.94 -13.40 -20.47
C GLY A 300 -6.67 -12.88 -19.24
N LYS A 301 -7.75 -13.57 -18.87
CA LYS A 301 -8.52 -13.27 -17.65
C LYS A 301 -7.85 -13.89 -16.44
N LEU A 302 -7.79 -13.14 -15.34
CA LEU A 302 -7.07 -13.54 -14.14
C LEU A 302 -7.83 -14.59 -13.36
N THR A 303 -7.25 -15.79 -13.25
CA THR A 303 -7.94 -16.93 -12.65
C THR A 303 -7.52 -17.19 -11.20
N SER A 304 -6.26 -16.97 -10.88
CA SER A 304 -5.80 -17.11 -9.50
C SER A 304 -4.48 -16.41 -9.22
N ILE A 305 -4.28 -16.08 -7.95
CA ILE A 305 -3.03 -15.47 -7.49
C ILE A 305 -2.33 -16.45 -6.57
N LYS A 306 -1.11 -16.84 -6.92
CA LYS A 306 -0.36 -17.82 -6.15
C LYS A 306 0.82 -17.19 -5.40
N ARG A 307 1.22 -17.82 -4.32
CA ARG A 307 2.25 -17.30 -3.41
C ARG A 307 3.26 -18.40 -3.12
N LEU A 308 4.52 -18.14 -3.45
CA LEU A 308 5.65 -18.94 -2.99
C LEU A 308 6.62 -18.03 -2.23
N TYR A 309 7.25 -18.58 -1.20
CA TYR A 309 8.39 -17.91 -0.54
C TYR A 309 9.68 -18.71 -0.76
N VAL A 310 10.79 -17.99 -0.88
CA VAL A 310 12.11 -18.63 -0.85
C VAL A 310 12.89 -18.15 0.37
N GLN A 311 13.12 -19.05 1.33
CA GLN A 311 13.98 -18.77 2.49
C GLN A 311 14.80 -20.01 2.81
N ASP A 312 16.12 -19.83 2.93
CA ASP A 312 17.03 -20.95 3.15
C ASP A 312 16.79 -22.08 2.14
N GLY A 313 17.16 -21.83 0.89
CA GLY A 313 17.14 -22.86 -0.16
C GLY A 313 15.91 -23.76 -0.20
N ASN A 314 14.79 -23.22 0.24
CA ASN A 314 13.52 -23.94 0.21
C ASN A 314 12.50 -23.04 -0.45
N VAL A 315 12.03 -23.47 -1.62
CA VAL A 315 10.86 -22.88 -2.22
C VAL A 315 9.69 -23.43 -1.42
N ILE A 316 9.07 -22.59 -0.60
CA ILE A 316 7.88 -22.97 0.16
C ILE A 316 6.67 -22.25 -0.39
N SER A 317 5.65 -23.03 -0.73
CA SER A 317 4.41 -22.50 -1.25
C SER A 317 3.52 -22.05 -0.07
N GLN A 318 2.46 -21.30 -0.37
CA GLN A 318 1.61 -20.69 0.66
C GLN A 318 0.94 -21.77 1.51
N SER A 319 0.86 -21.55 2.83
CA SER A 319 0.22 -22.54 3.71
C SER A 319 -1.21 -22.80 3.23
N VAL A 320 -1.67 -24.04 3.31
CA VAL A 320 -3.02 -24.39 2.87
C VAL A 320 -4.01 -24.00 3.95
N SER A 321 -5.21 -23.61 3.53
CA SER A 321 -6.28 -23.29 4.48
C SER A 321 -6.73 -24.56 5.19
N THR A 322 -7.12 -24.42 6.45
CA THR A 322 -7.51 -25.55 7.27
C THR A 322 -8.90 -25.34 7.81
N ILE A 323 -9.65 -24.43 7.20
CA ILE A 323 -10.97 -24.11 7.69
C ILE A 323 -12.03 -24.70 6.76
N ASP A 324 -13.03 -25.35 7.36
CA ASP A 324 -14.11 -25.97 6.62
C ASP A 324 -15.09 -24.86 6.24
N GLY A 325 -15.43 -24.66 4.97
CA GLY A 325 -14.93 -25.38 3.81
C GLY A 325 -14.30 -24.37 2.88
N VAL A 326 -13.04 -24.04 3.18
CA VAL A 326 -12.27 -23.11 2.37
C VAL A 326 -10.99 -23.84 2.05
N GLU A 327 -10.99 -24.54 0.92
CA GLU A 327 -9.87 -25.41 0.56
C GLU A 327 -8.85 -24.63 -0.27
N GLY A 328 -7.60 -25.10 -0.26
CA GLY A 328 -6.56 -24.60 -1.14
C GLY A 328 -5.73 -23.50 -0.50
N ASN A 329 -4.68 -23.10 -1.22
CA ASN A 329 -3.73 -22.10 -0.75
C ASN A 329 -3.53 -20.91 -1.69
N GLU A 330 -4.52 -20.61 -2.53
CA GLU A 330 -4.36 -19.61 -3.59
C GLU A 330 -5.65 -18.85 -3.79
N VAL A 331 -5.56 -17.54 -4.02
CA VAL A 331 -6.80 -16.77 -4.11
C VAL A 331 -7.42 -16.90 -5.50
N ASN A 332 -8.53 -17.62 -5.57
CA ASN A 332 -9.34 -17.75 -6.78
C ASN A 332 -10.83 -17.55 -6.47
N GLU A 333 -11.64 -17.40 -7.52
CA GLU A 333 -13.10 -17.20 -7.38
C GLU A 333 -13.72 -18.10 -6.32
N GLU A 334 -13.46 -19.40 -6.45
CA GLU A 334 -13.95 -20.41 -5.52
C GLU A 334 -13.57 -20.03 -4.09
N PHE A 335 -12.28 -19.77 -3.87
CA PHE A 335 -11.75 -19.46 -2.54
C PHE A 335 -12.42 -18.25 -1.94
N CYS A 336 -12.49 -17.18 -2.72
CA CYS A 336 -12.94 -15.88 -2.21
C CYS A 336 -14.41 -15.88 -1.82
N THR A 337 -15.26 -16.45 -2.67
CA THR A 337 -16.68 -16.55 -2.39
C THR A 337 -16.94 -17.40 -1.14
N ASN A 338 -16.20 -18.50 -1.00
CA ASN A 338 -16.33 -19.36 0.19
C ASN A 338 -15.81 -18.66 1.43
N GLN A 339 -14.63 -18.03 1.29
CA GLN A 339 -13.99 -17.32 2.39
C GLN A 339 -14.97 -16.35 3.01
N LYS A 340 -15.60 -15.55 2.16
CA LYS A 340 -16.51 -14.50 2.60
C LYS A 340 -17.75 -15.08 3.29
N LYS A 341 -18.21 -16.24 2.84
CA LYS A 341 -19.37 -16.93 3.42
C LYS A 341 -19.10 -17.56 4.83
N VAL A 342 -18.13 -18.48 4.93
CA VAL A 342 -17.81 -19.12 6.23
C VAL A 342 -17.42 -18.11 7.30
N PHE A 343 -16.61 -17.12 6.93
CA PHE A 343 -16.49 -15.91 7.74
C PHE A 343 -17.74 -15.18 7.33
N GLY A 344 -18.49 -14.61 8.26
CA GLY A 344 -19.67 -13.85 7.88
C GLY A 344 -19.28 -12.45 7.39
N ASP A 345 -18.54 -12.36 6.31
CA ASP A 345 -18.04 -11.06 5.87
C ASP A 345 -18.73 -10.62 4.58
N GLU A 346 -18.96 -9.32 4.47
CA GLU A 346 -19.64 -8.76 3.32
C GLU A 346 -18.78 -9.05 2.10
N ASP A 347 -19.35 -9.71 1.10
CA ASP A 347 -18.59 -10.07 -0.09
C ASP A 347 -18.64 -8.94 -1.08
N SER A 348 -18.02 -7.81 -0.69
CA SER A 348 -17.85 -6.69 -1.57
C SER A 348 -16.87 -7.04 -2.72
N PHE A 349 -16.00 -8.02 -2.49
CA PHE A 349 -15.02 -8.43 -3.53
C PHE A 349 -15.76 -8.77 -4.82
N THR A 350 -16.58 -9.81 -4.76
CA THR A 350 -17.35 -10.27 -5.94
C THR A 350 -18.23 -9.16 -6.50
N LYS A 351 -18.83 -8.34 -5.63
CA LYS A 351 -19.67 -7.25 -6.11
C LYS A 351 -18.90 -6.23 -6.94
N HIS A 352 -17.68 -5.92 -6.55
CA HIS A 352 -16.84 -5.01 -7.33
C HIS A 352 -16.01 -5.73 -8.41
N GLY A 353 -16.46 -6.93 -8.79
CA GLY A 353 -15.97 -7.62 -9.99
C GLY A 353 -14.93 -8.71 -9.79
N GLY A 354 -14.68 -9.09 -8.54
CA GLY A 354 -13.77 -10.20 -8.23
C GLY A 354 -12.44 -10.16 -8.99
N LEU A 355 -11.90 -11.35 -9.30
CA LEU A 355 -10.59 -11.44 -9.95
C LEU A 355 -10.62 -10.95 -11.38
N ALA A 356 -11.74 -11.13 -12.07
CA ALA A 356 -11.83 -10.64 -13.43
C ALA A 356 -11.54 -9.14 -13.47
N LYS A 357 -12.20 -8.40 -12.59
CA LYS A 357 -12.02 -6.95 -12.54
C LYS A 357 -10.61 -6.54 -12.11
N MET A 358 -10.01 -7.28 -11.18
CA MET A 358 -8.60 -7.04 -10.83
C MET A 358 -7.68 -7.24 -12.03
N GLY A 359 -7.91 -8.31 -12.79
CA GLY A 359 -7.20 -8.56 -14.05
C GLY A 359 -7.18 -7.32 -14.94
N GLU A 360 -8.35 -6.73 -15.17
CA GLU A 360 -8.45 -5.49 -15.96
C GLU A 360 -7.50 -4.41 -15.47
N ALA A 361 -7.38 -4.28 -14.16
CA ALA A 361 -6.46 -3.30 -13.57
C ALA A 361 -5.01 -3.65 -13.88
N LEU A 362 -4.65 -4.90 -13.59
CA LEU A 362 -3.32 -5.41 -13.85
C LEU A 362 -2.93 -5.36 -15.32
N LYS A 363 -3.91 -5.52 -16.23
CA LYS A 363 -3.69 -5.44 -17.69
C LYS A 363 -3.11 -4.08 -18.06
N ASP A 364 -3.78 -3.02 -17.64
CA ASP A 364 -3.18 -1.70 -17.63
C ASP A 364 -2.07 -1.83 -16.59
N GLY A 365 -0.95 -1.18 -16.79
CA GLY A 365 0.14 -1.27 -15.84
C GLY A 365 -0.31 -0.73 -14.50
N MET A 366 0.41 -1.06 -13.45
CA MET A 366 0.15 -0.48 -12.12
C MET A 366 1.43 0.05 -11.49
N VAL A 367 1.25 1.01 -10.58
CA VAL A 367 2.36 1.64 -9.85
C VAL A 367 2.63 0.95 -8.51
N LEU A 368 3.91 0.61 -8.27
CA LEU A 368 4.34 0.00 -7.01
C LEU A 368 4.46 1.05 -5.91
N VAL A 369 3.89 0.71 -4.76
CA VAL A 369 3.88 1.59 -3.60
C VAL A 369 4.52 0.83 -2.44
N LEU A 370 5.40 1.53 -1.72
CA LEU A 370 6.10 0.97 -0.57
C LEU A 370 5.77 1.89 0.57
N SER A 371 5.21 1.34 1.65
CA SER A 371 4.83 2.16 2.80
C SER A 371 5.06 1.50 4.16
N LEU A 372 5.08 2.35 5.17
CA LEU A 372 5.21 1.93 6.57
C LEU A 372 4.39 2.90 7.41
N TRP A 373 3.55 2.38 8.30
CA TRP A 373 2.61 3.22 9.05
C TRP A 373 1.88 2.45 10.14
N ASP A 374 1.34 3.18 11.10
CA ASP A 374 0.49 2.61 12.13
C ASP A 374 -0.95 3.05 11.89
N ASP A 375 -1.89 2.45 12.64
CA ASP A 375 -3.29 2.42 12.26
C ASP A 375 -4.19 3.05 13.33
N TYR A 376 -4.45 4.34 13.16
CA TYR A 376 -5.37 5.04 14.06
C TYR A 376 -6.77 4.48 13.98
N GLN A 377 -7.16 4.00 12.80
CA GLN A 377 -8.52 3.54 12.58
C GLN A 377 -8.83 2.20 13.27
N ALA A 378 -7.96 1.20 13.07
CA ALA A 378 -8.21 -0.15 13.60
C ALA A 378 -7.07 -0.85 14.38
N ASN A 379 -6.00 -0.11 14.67
CA ASN A 379 -4.88 -0.64 15.49
C ASN A 379 -4.22 -1.89 14.92
N MET A 380 -4.30 -2.06 13.61
CA MET A 380 -3.71 -3.19 12.91
C MET A 380 -4.17 -4.57 13.44
N LEU A 381 -5.27 -4.61 14.19
CA LEU A 381 -5.73 -5.87 14.80
C LEU A 381 -6.33 -6.83 13.75
N TRP A 382 -6.83 -6.22 12.67
CA TRP A 382 -7.34 -6.92 11.50
C TRP A 382 -6.22 -7.63 10.73
N LEU A 383 -4.99 -7.23 10.97
CA LEU A 383 -3.84 -7.87 10.32
C LEU A 383 -3.20 -8.93 11.22
N ASP A 384 -3.03 -8.60 12.50
CA ASP A 384 -2.10 -9.37 13.34
C ASP A 384 -2.67 -9.86 14.68
N SER A 385 -3.95 -9.66 14.92
CA SER A 385 -4.53 -9.97 16.21
C SER A 385 -5.93 -10.55 16.02
N SER A 386 -6.76 -10.47 17.05
CA SER A 386 -8.13 -10.89 17.00
C SER A 386 -9.00 -9.69 16.57
N TYR A 387 -9.88 -9.90 15.59
CA TYR A 387 -10.69 -8.81 15.01
C TYR A 387 -12.00 -9.30 14.40
N PRO A 388 -13.14 -8.68 14.76
CA PRO A 388 -13.22 -7.60 15.75
C PRO A 388 -13.03 -8.14 17.17
N THR A 389 -12.67 -7.28 18.10
CA THR A 389 -12.29 -7.72 19.44
C THR A 389 -13.52 -8.22 20.20
N THR A 390 -14.67 -7.61 19.90
CA THR A 390 -15.96 -8.03 20.43
C THR A 390 -16.23 -9.51 20.14
N SER A 391 -15.88 -9.95 18.92
CA SER A 391 -16.09 -11.32 18.50
C SER A 391 -15.27 -12.33 19.30
N SER A 392 -15.56 -13.61 19.07
CA SER A 392 -14.86 -14.71 19.72
C SER A 392 -13.66 -15.15 18.86
N PRO A 393 -12.46 -15.19 19.45
CA PRO A 393 -11.26 -15.71 18.78
C PRO A 393 -11.40 -17.09 18.14
N THR A 394 -12.31 -17.92 18.65
CA THR A 394 -12.52 -19.25 18.10
C THR A 394 -13.48 -19.25 16.89
N ASP A 395 -14.37 -18.25 16.78
CA ASP A 395 -15.19 -18.07 15.55
C ASP A 395 -14.31 -17.83 14.32
N PRO A 396 -14.64 -18.50 13.19
CA PRO A 396 -13.72 -18.48 12.04
C PRO A 396 -13.56 -17.08 11.46
N GLY A 397 -12.33 -16.76 11.05
CA GLY A 397 -12.01 -15.45 10.50
C GLY A 397 -11.56 -14.41 11.51
N VAL A 398 -11.93 -14.57 12.78
CA VAL A 398 -11.65 -13.59 13.83
C VAL A 398 -10.17 -13.42 14.16
N ALA A 399 -9.44 -14.53 14.27
CA ALA A 399 -8.04 -14.47 14.69
C ALA A 399 -7.11 -14.34 13.48
N ARG A 400 -6.41 -13.20 13.40
CA ARG A 400 -5.49 -12.94 12.29
C ARG A 400 -4.03 -13.12 12.67
N GLY A 401 -3.71 -13.02 13.96
CA GLY A 401 -2.37 -13.32 14.44
C GLY A 401 -2.32 -13.38 15.96
N SER A 402 -1.12 -13.56 16.49
CA SER A 402 -0.91 -13.78 17.93
C SER A 402 -1.08 -12.54 18.81
N CYS A 403 -0.97 -11.35 18.22
CA CYS A 403 -0.86 -10.12 19.01
C CYS A 403 -2.03 -9.81 19.90
N PRO A 404 -1.73 -9.26 21.09
CA PRO A 404 -2.83 -8.97 21.99
C PRO A 404 -3.72 -7.87 21.44
N THR A 405 -4.99 -7.90 21.84
CA THR A 405 -5.96 -6.90 21.42
C THR A 405 -5.56 -5.49 21.85
N THR A 406 -4.73 -5.42 22.89
CA THR A 406 -4.22 -4.16 23.42
C THR A 406 -3.02 -3.62 22.66
N SER A 407 -2.54 -4.37 21.67
CA SER A 407 -1.48 -3.89 20.78
C SER A 407 -2.04 -2.89 19.81
N GLY A 408 -1.14 -2.21 19.11
CA GLY A 408 -1.52 -1.45 17.93
C GLY A 408 -2.08 -0.07 18.17
N VAL A 409 -2.26 0.30 19.43
CA VAL A 409 -2.65 1.64 19.80
C VAL A 409 -1.55 2.60 19.35
N PRO A 410 -1.86 3.49 18.38
CA PRO A 410 -0.89 4.35 17.73
C PRO A 410 0.20 4.93 18.62
N SER A 411 -0.18 5.64 19.66
CA SER A 411 0.82 6.32 20.48
C SER A 411 1.56 5.35 21.43
N LYS A 412 1.03 4.14 21.65
CA LYS A 412 1.76 3.10 22.39
C LYS A 412 2.80 2.41 21.50
N VAL A 413 2.56 2.37 20.19
CA VAL A 413 3.53 1.76 19.29
C VAL A 413 4.61 2.79 18.99
N GLU A 414 4.22 4.06 18.95
CA GLU A 414 5.16 5.16 18.72
C GLU A 414 6.14 5.37 19.86
N GLN A 415 5.78 4.96 21.08
CA GLN A 415 6.69 5.02 22.23
C GLN A 415 7.56 3.77 22.36
N ASN A 416 6.97 2.62 22.05
CA ASN A 416 7.66 1.33 22.23
C ASN A 416 8.60 1.00 21.08
N TYR A 417 8.18 1.25 19.84
CA TYR A 417 8.96 0.86 18.65
C TYR A 417 9.18 1.98 17.66
N PRO A 418 9.58 3.17 18.13
CA PRO A 418 9.79 4.26 17.17
C PRO A 418 10.87 3.96 16.10
N ASN A 419 11.79 3.07 16.43
CA ASN A 419 12.95 2.81 15.56
CA ASN A 419 12.96 2.81 15.57
C ASN A 419 12.76 1.59 14.69
N ALA A 420 11.55 1.04 14.70
CA ALA A 420 11.21 -0.06 13.81
C ALA A 420 11.43 0.38 12.36
N TYR A 421 11.79 -0.54 11.50
CA TYR A 421 11.94 -0.22 10.09
C TYR A 421 11.75 -1.46 9.22
N VAL A 422 11.49 -1.25 7.94
CA VAL A 422 11.31 -2.34 6.98
C VAL A 422 12.30 -2.10 5.85
N VAL A 423 12.87 -3.18 5.33
CA VAL A 423 13.79 -3.13 4.21
C VAL A 423 13.24 -3.99 3.06
N TYR A 424 12.84 -3.35 1.96
CA TYR A 424 12.45 -4.10 0.77
C TYR A 424 13.63 -4.10 -0.20
N SER A 425 13.87 -5.23 -0.88
CA SER A 425 14.93 -5.26 -1.87
C SER A 425 14.67 -6.27 -2.98
N ASN A 426 15.59 -6.29 -3.94
CA ASN A 426 15.71 -7.38 -4.90
C ASN A 426 14.44 -7.55 -5.74
N ILE A 427 13.89 -6.41 -6.18
CA ILE A 427 12.65 -6.37 -6.94
C ILE A 427 12.87 -6.99 -8.32
N LYS A 428 11.94 -7.82 -8.76
CA LYS A 428 12.02 -8.46 -10.08
C LYS A 428 10.63 -8.62 -10.66
N VAL A 429 10.51 -8.38 -11.98
CA VAL A 429 9.30 -8.70 -12.71
C VAL A 429 9.60 -9.42 -14.05
N GLY A 430 9.45 -10.75 -14.03
CA GLY A 430 9.60 -11.57 -15.23
C GLY A 430 8.61 -12.73 -15.24
N PRO A 431 8.54 -13.48 -16.36
CA PRO A 431 7.63 -14.61 -16.54
C PRO A 431 7.59 -15.58 -15.36
N ILE A 432 6.53 -16.37 -15.30
CA ILE A 432 6.31 -17.28 -14.19
C ILE A 432 7.51 -18.20 -14.05
N ASP A 433 7.89 -18.48 -12.80
CA ASP A 433 9.09 -19.27 -12.45
C ASP A 433 10.45 -18.69 -12.95
N SER A 434 10.47 -17.42 -13.36
CA SER A 434 11.65 -16.83 -13.99
C SER A 434 12.31 -15.74 -13.14
N THR A 435 11.89 -15.62 -11.87
CA THR A 435 12.50 -14.65 -10.94
C THR A 435 13.13 -15.35 -9.75
N TYR A 436 12.40 -16.29 -9.14
CA TYR A 436 12.91 -16.98 -7.96
C TYR A 436 13.92 -18.09 -8.28
N LYS A 437 14.04 -18.45 -9.57
CA LYS A 437 15.08 -19.36 -10.05
C LYS A 437 14.84 -20.79 -9.57
#